data_3FRJ
#
_entry.id   3FRJ
#
_cell.length_a   104.917
_cell.length_b   104.917
_cell.length_c   134.784
_cell.angle_alpha   90.00
_cell.angle_beta   90.00
_cell.angle_gamma   120.00
#
_symmetry.space_group_name_H-M   'P 31 2 1'
#
loop_
_entity.id
_entity.type
_entity.pdbx_description
1 polymer 'Corticosteroid 11-beta-Dehydrogenase, Isozyme 1'
2 non-polymer 'NADP NICOTINAMIDE-ADENINE-DINUCLEOTIDE PHOSPHATE'
3 non-polymer N-{1-[(1-carbamoylcyclopropyl)methyl]piperidin-4-yl}-N-cyclopropyl-4-[(1S)-2,2,2-trifluoro-1-hydroxy-1-methylethyl]benzamide
4 water water
#
_entity_poly.entity_id   1
_entity_poly.type   'polypeptide(L)'
_entity_poly.pdbx_seq_one_letter_code
;MKHQHQHQHQHQHQQPLNEEFRPEMLQGKKVIVTGASKGIGREMAYHLAKMGAHVVVTARSKETLQKVVSHCLELGAASA
HYIAGTMEDMTFAEQFVAQAGKLMGGLDMLILNHITNTSLNLFHDDIHHVRKSMEVNFLSYVVLTVAALPMLKQSNGSIV
VVSSLAGKVAYPMVAAYSASKFALDGFFSSIRKEYSVSRVNVSITLCVLGLIDTETAMKAVSGIVHMQAAPKEECALEII
KGGALRQEEVYYDSSLWTTLLIRNPSRKILEFLYSTSYNMDRFINK
;
_entity_poly.pdbx_strand_id   A,B
#
# COMPACT_ATOMS: atom_id res chain seq x y z
N GLN A 15 -15.55 -11.36 17.04
CA GLN A 15 -14.15 -11.64 16.49
C GLN A 15 -13.09 -11.47 17.58
N PRO A 16 -13.11 -10.35 18.33
CA PRO A 16 -12.23 -10.21 19.48
C PRO A 16 -12.55 -11.19 20.60
N LEU A 17 -11.70 -11.18 21.63
CA LEU A 17 -11.96 -11.92 22.84
C LEU A 17 -12.75 -11.05 23.80
N ASN A 18 -13.86 -11.64 24.25
CA ASN A 18 -14.73 -11.15 25.33
C ASN A 18 -13.97 -10.52 26.50
N GLU A 19 -12.95 -11.24 26.97
CA GLU A 19 -12.22 -10.91 28.19
C GLU A 19 -11.21 -9.77 28.10
N GLU A 20 -10.77 -9.32 29.27
CA GLU A 20 -9.60 -8.47 29.43
C GLU A 20 -8.31 -9.27 29.35
N PHE A 21 -7.20 -8.58 29.07
CA PHE A 21 -5.96 -9.30 28.90
C PHE A 21 -5.44 -9.78 30.24
N ARG A 22 -4.90 -10.99 30.23
CA ARG A 22 -4.19 -11.60 31.35
C ARG A 22 -2.90 -12.25 30.83
N PRO A 23 -1.76 -11.96 31.53
CA PRO A 23 -0.46 -12.47 31.12
C PRO A 23 -0.47 -13.97 30.87
N GLU A 24 -1.36 -14.69 31.55
CA GLU A 24 -1.47 -16.15 31.43
C GLU A 24 -1.93 -16.64 30.05
N MET A 25 -2.62 -15.75 29.32
CA MET A 25 -3.02 -16.04 27.94
C MET A 25 -1.84 -16.51 27.08
N LEU A 26 -0.63 -16.00 27.38
CA LEU A 26 0.59 -16.32 26.59
C LEU A 26 1.48 -17.47 27.11
N GLN A 27 1.35 -17.79 28.40
CA GLN A 27 2.08 -18.90 29.01
C GLN A 27 1.95 -20.19 28.23
N GLY A 28 3.06 -20.78 27.82
CA GLY A 28 2.96 -21.98 27.02
C GLY A 28 2.69 -21.69 25.56
N LYS A 29 2.40 -20.43 25.22
CA LYS A 29 2.10 -20.10 23.80
C LYS A 29 3.35 -20.11 22.90
N LYS A 30 3.17 -20.52 21.65
CA LYS A 30 4.29 -20.60 20.69
C LYS A 30 4.29 -19.41 19.69
N VAL A 31 5.18 -18.46 19.94
CA VAL A 31 5.25 -17.20 19.24
C VAL A 31 6.57 -16.94 18.47
N ILE A 32 6.48 -16.64 17.18
CA ILE A 32 7.59 -16.01 16.46
C ILE A 32 7.55 -14.48 16.60
N VAL A 33 8.73 -13.84 16.79
CA VAL A 33 8.88 -12.39 16.71
C VAL A 33 10.01 -12.07 15.74
N THR A 34 9.70 -11.36 14.63
CA THR A 34 10.68 -10.92 13.68
C THR A 34 11.19 -9.56 14.06
N GLY A 35 12.36 -9.15 13.53
CA GLY A 35 12.89 -7.82 13.96
C GLY A 35 13.12 -7.80 15.46
N ALA A 36 13.58 -8.91 16.03
CA ALA A 36 13.71 -8.99 17.50
C ALA A 36 15.14 -8.76 18.10
N SER A 37 16.12 -8.38 17.28
CA SER A 37 17.43 -8.02 17.79
C SER A 37 17.45 -6.70 18.54
N LYS A 38 16.60 -5.73 18.16
CA LYS A 38 16.68 -4.33 18.53
C LYS A 38 15.22 -3.79 18.76
N GLY A 39 15.10 -2.69 19.49
CA GLY A 39 13.88 -1.90 19.59
C GLY A 39 12.64 -2.65 20.05
N ILE A 40 11.50 -2.30 19.44
CA ILE A 40 10.20 -2.83 19.86
C ILE A 40 10.18 -4.35 19.80
N GLY A 41 10.75 -4.94 18.77
CA GLY A 41 10.72 -6.40 18.68
C GLY A 41 11.48 -7.06 19.81
N ARG A 42 12.60 -6.46 20.22
CA ARG A 42 13.30 -6.96 21.41
C ARG A 42 12.45 -6.87 22.67
N GLU A 43 11.82 -5.72 22.89
CA GLU A 43 10.86 -5.55 24.00
C GLU A 43 9.72 -6.60 23.97
N MET A 44 9.24 -6.99 22.78
CA MET A 44 8.21 -7.97 22.76
C MET A 44 8.72 -9.31 23.16
N ALA A 45 9.89 -9.69 22.65
CA ALA A 45 10.57 -10.94 23.09
C ALA A 45 10.66 -10.98 24.62
N TYR A 46 11.09 -9.86 25.21
CA TYR A 46 11.18 -9.83 26.67
C TYR A 46 9.84 -10.11 27.33
N HIS A 47 8.82 -9.24 27.06
CA HIS A 47 7.48 -9.39 27.67
C HIS A 47 6.98 -10.82 27.50
N LEU A 48 7.16 -11.39 26.32
CA LEU A 48 6.67 -12.75 26.07
C LEU A 48 7.39 -13.78 26.93
N ALA A 49 8.68 -13.58 27.15
CA ALA A 49 9.46 -14.42 28.06
C ALA A 49 8.95 -14.23 29.49
N LYS A 50 8.82 -12.99 29.97
CA LYS A 50 8.32 -12.71 31.29
C LYS A 50 6.93 -13.28 31.53
N MET A 51 6.25 -13.73 30.47
CA MET A 51 4.91 -14.38 30.55
C MET A 51 4.98 -15.88 30.32
N GLY A 52 6.18 -16.43 30.12
CA GLY A 52 6.33 -17.86 29.92
C GLY A 52 5.97 -18.45 28.58
N ALA A 53 6.02 -17.63 27.54
CA ALA A 53 5.83 -18.13 26.17
C ALA A 53 7.04 -18.89 25.68
N HIS A 54 6.84 -19.77 24.70
CA HIS A 54 7.92 -20.23 23.85
C HIS A 54 8.09 -19.15 22.77
N VAL A 55 9.35 -18.84 22.43
CA VAL A 55 9.70 -17.74 21.55
C VAL A 55 10.81 -18.21 20.58
N VAL A 56 10.60 -18.00 19.28
CA VAL A 56 11.68 -18.05 18.31
C VAL A 56 11.81 -16.62 17.73
N VAL A 57 13.00 -16.03 17.84
CA VAL A 57 13.23 -14.65 17.42
C VAL A 57 14.12 -14.64 16.21
N THR A 58 14.09 -13.56 15.45
CA THR A 58 14.90 -13.48 14.24
C THR A 58 15.23 -12.04 13.96
N ALA A 59 16.29 -11.89 13.16
CA ALA A 59 16.91 -10.61 12.74
C ALA A 59 18.24 -10.97 12.05
N ARG A 60 18.97 -9.98 11.58
CA ARG A 60 20.25 -10.29 10.92
C ARG A 60 21.42 -10.45 11.97
N SER A 61 21.38 -9.68 13.07
CA SER A 61 22.44 -9.64 14.10
C SER A 61 22.60 -10.89 14.96
N LYS A 62 23.38 -11.88 14.48
CA LYS A 62 23.55 -13.19 15.17
C LYS A 62 23.93 -13.00 16.64
N GLU A 63 25.01 -12.27 16.87
CA GLU A 63 25.58 -12.07 18.21
C GLU A 63 24.57 -11.36 19.07
N THR A 64 24.00 -10.26 18.57
CA THR A 64 22.98 -9.62 19.41
C THR A 64 21.67 -10.44 19.69
N LEU A 65 21.26 -11.28 18.74
CA LEU A 65 20.19 -12.28 18.99
C LEU A 65 20.52 -13.28 20.13
N GLN A 66 21.74 -13.87 20.11
CA GLN A 66 22.27 -14.65 21.24
C GLN A 66 22.00 -13.95 22.57
N LYS A 67 22.45 -12.72 22.71
CA LYS A 67 22.22 -12.03 23.98
C LYS A 67 20.73 -11.85 24.30
N VAL A 68 19.90 -11.80 23.26
CA VAL A 68 18.49 -11.59 23.45
C VAL A 68 17.84 -12.89 23.95
N VAL A 69 18.13 -13.98 23.25
CA VAL A 69 17.62 -15.28 23.60
C VAL A 69 18.05 -15.70 25.02
N SER A 70 19.19 -15.16 25.50
CA SER A 70 19.66 -15.50 26.87
C SER A 70 18.94 -14.71 27.93
N HIS A 71 18.66 -13.44 27.66
CA HIS A 71 17.89 -12.66 28.64
C HIS A 71 16.46 -13.17 28.69
N CYS A 72 15.94 -13.68 27.57
CA CYS A 72 14.64 -14.32 27.56
C CYS A 72 14.53 -15.52 28.52
N LEU A 73 15.48 -16.46 28.43
CA LEU A 73 15.59 -17.60 29.39
C LEU A 73 15.67 -17.09 30.86
N GLU A 74 16.54 -16.12 31.13
CA GLU A 74 16.61 -15.50 32.45
C GLU A 74 15.30 -14.93 32.96
N LEU A 75 14.47 -14.48 32.01
CA LEU A 75 13.24 -13.79 32.37
C LEU A 75 12.05 -14.76 32.51
N GLY A 76 12.20 -15.99 32.05
CA GLY A 76 11.20 -16.98 32.36
C GLY A 76 10.64 -17.74 31.17
N ALA A 77 11.27 -17.62 30.02
CA ALA A 77 10.68 -18.18 28.81
C ALA A 77 10.52 -19.68 29.01
N ALA A 78 9.44 -20.26 28.54
CA ALA A 78 9.34 -21.69 28.55
C ALA A 78 10.52 -22.21 27.72
N SER A 79 11.05 -21.34 26.88
CA SER A 79 12.14 -21.66 25.95
C SER A 79 12.31 -20.49 24.95
N ALA A 80 13.44 -20.50 24.21
CA ALA A 80 13.87 -19.40 23.35
C ALA A 80 14.95 -19.89 22.40
N HIS A 81 14.83 -19.51 21.12
CA HIS A 81 15.78 -19.81 20.06
C HIS A 81 15.83 -18.58 19.13
N TYR A 82 16.92 -18.40 18.39
CA TYR A 82 16.97 -17.34 17.40
C TYR A 82 17.39 -18.07 16.16
N ILE A 83 17.06 -17.54 15.00
CA ILE A 83 17.58 -18.05 13.75
C ILE A 83 17.91 -16.79 13.00
N ALA A 84 19.17 -16.61 12.57
CA ALA A 84 19.56 -15.34 12.00
C ALA A 84 19.49 -15.41 10.49
N GLY A 85 19.08 -14.31 9.88
CA GLY A 85 19.04 -14.24 8.42
C GLY A 85 18.47 -12.90 7.96
N THR A 86 18.50 -12.66 6.68
CA THR A 86 17.91 -11.42 6.19
C THR A 86 16.53 -11.69 5.50
N MET A 87 15.56 -10.84 5.84
CA MET A 87 14.25 -10.92 5.22
C MET A 87 14.26 -10.31 3.85
N GLU A 88 15.45 -9.88 3.35
CA GLU A 88 15.66 -9.71 1.90
C GLU A 88 15.58 -11.02 1.14
N ASP A 89 15.71 -12.11 1.87
CA ASP A 89 15.78 -13.37 1.17
C ASP A 89 14.54 -14.23 1.43
N MET A 90 13.70 -14.36 0.42
CA MET A 90 12.34 -15.01 0.54
C MET A 90 12.45 -16.50 0.83
N THR A 91 13.51 -17.13 0.28
CA THR A 91 13.82 -18.54 0.67
C THR A 91 14.08 -18.62 2.12
N PHE A 92 14.88 -17.72 2.67
CA PHE A 92 15.07 -17.71 4.13
C PHE A 92 13.78 -17.47 4.93
N ALA A 93 13.03 -16.44 4.54
CA ALA A 93 11.72 -16.16 5.22
C ALA A 93 10.90 -17.47 5.30
N GLU A 94 10.69 -18.06 4.15
CA GLU A 94 9.97 -19.36 4.03
C GLU A 94 10.50 -20.48 4.95
N GLN A 95 11.77 -20.87 4.81
CA GLN A 95 12.36 -21.90 5.71
C GLN A 95 12.46 -21.47 7.13
N PHE A 96 12.67 -20.19 7.40
CA PHE A 96 12.68 -19.81 8.83
C PHE A 96 11.40 -20.25 9.59
N VAL A 97 10.26 -20.23 8.91
CA VAL A 97 9.03 -20.44 9.64
C VAL A 97 8.88 -21.96 9.94
N ALA A 98 9.19 -22.79 8.93
CA ALA A 98 9.27 -24.25 9.11
C ALA A 98 10.25 -24.60 10.25
N GLN A 99 11.47 -24.05 10.24
CA GLN A 99 12.43 -24.32 11.31
C GLN A 99 11.87 -23.91 12.62
N ALA A 100 11.37 -22.68 12.69
CA ALA A 100 10.84 -22.15 13.94
C ALA A 100 9.65 -23.02 14.53
N GLY A 101 8.90 -23.68 13.65
CA GLY A 101 7.75 -24.49 14.05
C GLY A 101 8.15 -25.88 14.54
N LYS A 102 9.10 -26.49 13.82
CA LYS A 102 9.71 -27.75 14.27
C LYS A 102 10.22 -27.49 15.69
N LEU A 103 10.97 -26.41 15.90
CA LEU A 103 11.57 -26.11 17.23
C LEU A 103 10.52 -26.01 18.34
N MET A 104 9.32 -25.58 18.02
CA MET A 104 8.33 -25.35 19.07
C MET A 104 7.25 -26.43 19.04
N GLY A 105 7.25 -27.21 17.98
CA GLY A 105 6.16 -28.13 17.66
C GLY A 105 4.82 -27.43 17.40
N GLY A 106 4.85 -26.40 16.53
CA GLY A 106 3.69 -25.52 16.29
C GLY A 106 3.87 -24.00 16.47
N LEU A 107 2.78 -23.27 16.23
CA LEU A 107 2.78 -21.84 16.20
C LEU A 107 1.42 -21.32 16.60
N ASP A 108 1.40 -20.47 17.61
CA ASP A 108 0.17 -19.88 18.05
C ASP A 108 0.05 -18.44 17.57
N MET A 109 1.20 -17.74 17.49
CA MET A 109 1.21 -16.35 17.14
C MET A 109 2.45 -15.93 16.30
N LEU A 110 2.21 -15.23 15.19
CA LEU A 110 3.21 -14.79 14.27
C LEU A 110 3.24 -13.29 14.37
N ILE A 111 4.29 -12.72 14.99
CA ILE A 111 4.45 -11.29 15.09
C ILE A 111 5.49 -10.78 14.06
N LEU A 112 4.99 -9.97 13.12
CA LEU A 112 5.75 -9.54 11.99
C LEU A 112 6.05 -8.05 12.24
N ASN A 113 7.35 -7.71 12.38
CA ASN A 113 7.75 -6.44 12.99
C ASN A 113 8.97 -5.82 12.30
N HIS A 114 9.77 -6.64 11.60
CA HIS A 114 10.98 -6.13 10.95
C HIS A 114 10.73 -5.09 9.86
N ILE A 115 11.68 -4.18 9.71
CA ILE A 115 11.73 -3.31 8.57
C ILE A 115 13.21 -3.15 8.08
N THR A 116 13.40 -2.88 6.81
CA THR A 116 14.65 -2.47 6.30
C THR A 116 14.96 -1.03 6.72
N ASN A 117 16.22 -0.63 6.68
CA ASN A 117 16.53 0.71 7.16
C ASN A 117 15.95 1.78 6.29
N THR A 118 15.33 2.78 6.92
CA THR A 118 14.61 3.79 6.16
C THR A 118 15.38 5.11 6.12
N SER A 119 15.33 5.74 4.94
CA SER A 119 15.89 7.07 4.77
C SER A 119 14.87 8.19 4.99
N LEU A 120 15.07 9.05 6.02
CA LEU A 120 14.36 10.33 6.01
C LEU A 120 14.97 11.27 5.03
N ASN A 121 14.59 11.14 3.79
CA ASN A 121 15.09 12.04 2.78
C ASN A 121 13.98 12.28 1.78
N LEU A 122 14.12 13.32 0.99
CA LEU A 122 13.21 13.54 -0.07
C LEU A 122 13.44 12.40 -1.03
N PHE A 123 12.41 11.98 -1.72
CA PHE A 123 12.56 11.01 -2.76
C PHE A 123 13.01 11.72 -4.02
N HIS A 124 13.98 11.16 -4.73
CA HIS A 124 14.37 11.73 -6.01
C HIS A 124 14.35 10.69 -7.15
N ASP A 125 15.19 9.68 -7.06
CA ASP A 125 15.19 8.75 -8.13
C ASP A 125 15.65 7.42 -7.71
N ASP A 126 15.54 7.09 -6.44
CA ASP A 126 16.08 5.78 -6.04
C ASP A 126 15.02 4.60 -6.03
N ILE A 127 14.79 4.04 -7.19
CA ILE A 127 13.89 2.90 -7.40
C ILE A 127 14.33 1.72 -6.63
N HIS A 128 15.63 1.57 -6.49
CA HIS A 128 16.19 0.37 -5.84
C HIS A 128 15.78 0.36 -4.43
N HIS A 129 15.77 1.54 -3.84
CA HIS A 129 15.39 1.62 -2.43
C HIS A 129 13.86 1.40 -2.28
N VAL A 130 13.05 1.99 -3.14
CA VAL A 130 11.59 1.70 -3.18
C VAL A 130 11.33 0.19 -3.31
N ARG A 131 11.97 -0.47 -4.28
CA ARG A 131 11.80 -1.93 -4.38
C ARG A 131 12.18 -2.70 -3.15
N LYS A 132 13.31 -2.30 -2.56
CA LYS A 132 13.81 -3.07 -1.44
C LYS A 132 12.94 -2.88 -0.25
N SER A 133 12.46 -1.66 -0.05
CA SER A 133 11.48 -1.45 1.07
C SER A 133 10.25 -2.36 0.93
N MET A 134 9.75 -2.47 -0.31
CA MET A 134 8.61 -3.33 -0.65
C MET A 134 8.86 -4.79 -0.42
N GLU A 135 10.07 -5.23 -0.78
CA GLU A 135 10.47 -6.63 -0.57
C GLU A 135 10.59 -6.90 0.85
N VAL A 136 11.27 -6.04 1.62
CA VAL A 136 11.52 -6.42 3.04
C VAL A 136 10.39 -6.07 4.00
N ASN A 137 9.83 -4.89 3.79
CA ASN A 137 8.77 -4.37 4.65
C ASN A 137 7.37 -5.04 4.34
N PHE A 138 7.18 -5.57 3.16
CA PHE A 138 5.83 -6.02 2.77
C PHE A 138 5.82 -7.48 2.29
N LEU A 139 6.53 -7.72 1.19
CA LEU A 139 6.58 -9.06 0.54
C LEU A 139 7.07 -10.16 1.42
N SER A 140 8.08 -9.90 2.26
CA SER A 140 8.49 -10.87 3.30
C SER A 140 7.38 -11.23 4.28
N TYR A 141 6.58 -10.23 4.67
CA TYR A 141 5.41 -10.46 5.57
C TYR A 141 4.43 -11.47 4.92
N VAL A 142 4.21 -11.37 3.62
CA VAL A 142 3.29 -12.20 2.91
C VAL A 142 3.92 -13.65 2.83
N VAL A 143 5.17 -13.77 2.34
CA VAL A 143 5.94 -15.03 2.40
C VAL A 143 5.88 -15.74 3.77
N LEU A 144 6.17 -15.02 4.83
CA LEU A 144 6.08 -15.60 6.15
C LEU A 144 4.67 -16.01 6.50
N THR A 145 3.70 -15.18 6.13
CA THR A 145 2.32 -15.55 6.42
C THR A 145 1.88 -16.85 5.69
N VAL A 146 2.19 -16.94 4.41
CA VAL A 146 1.95 -18.14 3.64
C VAL A 146 2.61 -19.39 4.28
N ALA A 147 3.77 -19.20 4.91
CA ALA A 147 4.52 -20.37 5.45
C ALA A 147 3.98 -20.77 6.78
N ALA A 148 3.48 -19.81 7.53
CA ALA A 148 2.94 -20.05 8.85
C ALA A 148 1.43 -20.49 8.92
N LEU A 149 0.70 -20.34 7.84
CA LEU A 149 -0.78 -20.50 7.92
C LEU A 149 -1.22 -21.92 8.30
N PRO A 150 -0.64 -22.97 7.67
CA PRO A 150 -1.05 -24.32 8.10
C PRO A 150 -0.97 -24.55 9.59
N MET A 151 0.09 -24.13 10.23
CA MET A 151 0.18 -24.28 11.66
C MET A 151 -0.73 -23.39 12.42
N LEU A 152 -0.92 -22.18 11.93
CA LEU A 152 -1.81 -21.24 12.62
C LEU A 152 -3.30 -21.66 12.50
N LYS A 153 -3.63 -22.31 11.40
CA LYS A 153 -4.98 -22.82 11.22
C LYS A 153 -5.21 -23.93 12.26
N GLN A 154 -4.20 -24.78 12.41
CA GLN A 154 -4.25 -25.88 13.35
C GLN A 154 -4.33 -25.43 14.80
N SER A 155 -3.96 -24.19 15.11
CA SER A 155 -4.10 -23.72 16.49
C SER A 155 -5.15 -22.63 16.69
N ASN A 156 -5.81 -22.19 15.61
CA ASN A 156 -6.70 -21.01 15.68
C ASN A 156 -5.86 -19.83 16.13
N GLY A 157 -4.68 -19.70 15.48
CA GLY A 157 -3.71 -18.71 15.93
C GLY A 157 -3.95 -17.28 15.46
N SER A 158 -2.90 -16.46 15.54
CA SER A 158 -2.93 -15.02 15.30
C SER A 158 -1.74 -14.51 14.47
N ILE A 159 -2.01 -13.64 13.52
CA ILE A 159 -1.02 -12.86 12.86
C ILE A 159 -1.05 -11.44 13.38
N VAL A 160 0.11 -10.91 13.81
CA VAL A 160 0.23 -9.51 14.27
C VAL A 160 1.16 -8.75 13.35
N VAL A 161 0.73 -7.59 12.88
CA VAL A 161 1.43 -6.95 11.79
C VAL A 161 1.72 -5.58 12.29
N VAL A 162 3.01 -5.22 12.36
CA VAL A 162 3.37 -3.96 12.99
C VAL A 162 3.49 -2.90 11.95
N SER A 163 2.83 -1.78 12.22
CA SER A 163 2.74 -0.71 11.23
C SER A 163 2.79 0.63 11.92
N SER A 164 2.37 1.68 11.24
CA SER A 164 2.89 2.97 11.63
C SER A 164 1.86 4.09 11.35
N LEU A 165 1.96 5.24 11.99
CA LEU A 165 1.13 6.33 11.51
C LEU A 165 1.22 6.50 9.99
N ALA A 166 2.44 6.35 9.46
CA ALA A 166 2.79 6.64 8.09
C ALA A 166 2.31 5.55 7.16
N GLY A 167 1.75 4.47 7.72
CA GLY A 167 1.08 3.50 6.96
C GLY A 167 -0.48 3.69 7.05
N LYS A 168 -0.92 4.91 7.44
CA LYS A 168 -2.39 5.29 7.56
C LYS A 168 -2.63 6.71 7.03
N VAL A 169 -1.62 7.57 7.13
CA VAL A 169 -1.60 8.96 6.61
C VAL A 169 -0.29 9.32 5.90
N ALA A 170 -0.29 10.40 5.14
CA ALA A 170 0.90 10.72 4.38
C ALA A 170 1.83 11.74 5.15
N TYR A 171 3.15 11.49 5.08
CA TYR A 171 4.25 12.36 5.59
C TYR A 171 5.33 12.51 4.47
N PRO A 172 5.86 13.73 4.27
CA PRO A 172 7.04 13.87 3.43
C PRO A 172 8.24 13.04 4.02
N MET A 173 9.23 12.78 3.18
CA MET A 173 10.54 12.22 3.63
C MET A 173 10.47 10.70 3.88
N VAL A 174 9.26 10.10 3.83
CA VAL A 174 9.24 8.63 4.07
C VAL A 174 8.44 7.88 3.07
N ALA A 175 8.52 8.28 1.83
CA ALA A 175 7.62 7.78 0.80
C ALA A 175 7.67 6.28 0.56
N ALA A 176 8.87 5.74 0.51
CA ALA A 176 9.03 4.31 0.27
C ALA A 176 8.59 3.57 1.47
N TYR A 177 8.89 4.06 2.65
CA TYR A 177 8.43 3.39 3.84
C TYR A 177 6.86 3.43 3.89
N SER A 178 6.26 4.56 3.59
CA SER A 178 4.82 4.65 3.75
C SER A 178 4.11 3.74 2.68
N ALA A 179 4.59 3.70 1.44
CA ALA A 179 4.15 2.68 0.48
C ALA A 179 4.16 1.32 1.05
N SER A 180 5.23 0.94 1.74
CA SER A 180 5.29 -0.43 2.15
C SER A 180 4.28 -0.66 3.29
N LYS A 181 4.11 0.35 4.15
CA LYS A 181 3.21 0.23 5.33
C LYS A 181 1.69 0.29 4.90
N PHE A 182 1.37 1.12 3.92
CA PHE A 182 -0.01 1.16 3.32
C PHE A 182 -0.26 -0.19 2.63
N ALA A 183 0.69 -0.74 1.82
CA ALA A 183 0.58 -2.07 1.20
C ALA A 183 0.22 -3.14 2.19
N LEU A 184 0.85 -3.14 3.36
CA LEU A 184 0.48 -4.10 4.39
C LEU A 184 -1.04 -4.05 4.79
N ASP A 185 -1.54 -2.83 5.02
CA ASP A 185 -2.94 -2.58 5.42
C ASP A 185 -3.84 -3.16 4.34
N GLY A 186 -3.57 -2.86 3.09
CA GLY A 186 -4.34 -3.39 1.98
C GLY A 186 -4.30 -4.89 1.93
N PHE A 187 -3.11 -5.48 2.02
CA PHE A 187 -3.06 -6.91 1.81
C PHE A 187 -3.73 -7.65 2.94
N PHE A 188 -3.30 -7.34 4.16
CA PHE A 188 -3.76 -8.06 5.33
C PHE A 188 -5.24 -7.75 5.70
N SER A 189 -5.71 -6.53 5.42
CA SER A 189 -7.11 -6.25 5.66
C SER A 189 -8.04 -7.02 4.65
N SER A 190 -7.57 -7.24 3.41
CA SER A 190 -8.23 -8.08 2.44
C SER A 190 -8.27 -9.52 2.84
N ILE A 191 -7.14 -10.14 3.17
CA ILE A 191 -7.21 -11.52 3.48
C ILE A 191 -8.00 -11.72 4.82
N ARG A 192 -8.02 -10.73 5.72
CA ARG A 192 -8.90 -10.75 6.88
C ARG A 192 -10.42 -10.85 6.48
N LYS A 193 -10.87 -10.11 5.48
CA LYS A 193 -12.21 -10.32 4.91
C LYS A 193 -12.34 -11.74 4.37
N GLU A 194 -11.30 -12.20 3.66
CA GLU A 194 -11.32 -13.48 3.07
C GLU A 194 -11.47 -14.55 4.12
N TYR A 195 -10.75 -14.43 5.23
CA TYR A 195 -10.80 -15.46 6.27
C TYR A 195 -12.16 -15.49 7.00
N SER A 196 -12.74 -14.34 7.19
CA SER A 196 -14.09 -14.23 7.69
C SER A 196 -15.08 -14.98 6.77
N VAL A 197 -15.00 -14.78 5.46
CA VAL A 197 -15.92 -15.49 4.59
C VAL A 197 -15.65 -16.97 4.44
N SER A 198 -14.39 -17.39 4.39
CA SER A 198 -14.07 -18.82 4.21
C SER A 198 -13.91 -19.55 5.56
N ARG A 199 -14.33 -18.88 6.61
CA ARG A 199 -14.21 -19.39 7.98
C ARG A 199 -12.83 -19.90 8.52
N VAL A 200 -11.74 -19.25 8.11
CA VAL A 200 -10.40 -19.51 8.65
C VAL A 200 -10.30 -18.87 10.03
N ASN A 201 -10.08 -19.63 11.08
CA ASN A 201 -10.09 -19.02 12.40
C ASN A 201 -8.68 -18.56 12.91
N VAL A 202 -7.99 -17.79 12.04
CA VAL A 202 -6.72 -17.10 12.36
C VAL A 202 -7.01 -15.60 12.44
N SER A 203 -6.83 -14.93 13.58
CA SER A 203 -7.05 -13.44 13.57
C SER A 203 -5.87 -12.65 12.93
N ILE A 204 -6.11 -11.37 12.61
CA ILE A 204 -5.13 -10.52 12.00
C ILE A 204 -5.27 -9.19 12.74
N THR A 205 -4.18 -8.76 13.39
CA THR A 205 -4.13 -7.49 14.10
C THR A 205 -3.11 -6.60 13.42
N LEU A 206 -3.50 -5.35 13.15
CA LEU A 206 -2.62 -4.39 12.55
C LEU A 206 -2.35 -3.32 13.57
N CYS A 207 -1.07 -3.05 13.84
CA CYS A 207 -0.72 -2.07 14.85
C CYS A 207 -0.32 -0.80 14.23
N VAL A 208 -0.86 0.30 14.72
CA VAL A 208 -0.56 1.60 14.15
C VAL A 208 0.14 2.46 15.22
N LEU A 209 1.45 2.67 15.07
CA LEU A 209 2.31 3.28 16.10
C LEU A 209 2.71 4.64 15.76
N GLY A 210 2.57 5.58 16.69
CA GLY A 210 3.26 6.84 16.49
C GLY A 210 4.76 6.73 16.87
N LEU A 211 5.42 7.85 17.15
CA LEU A 211 6.83 7.83 17.55
C LEU A 211 7.10 7.06 18.81
N ILE A 212 7.96 6.03 18.73
CA ILE A 212 8.33 5.16 19.89
C ILE A 212 9.82 5.43 20.18
N ASP A 213 10.23 5.35 21.46
CA ASP A 213 11.59 5.82 21.83
C ASP A 213 12.65 4.72 21.61
N THR A 214 12.71 4.18 20.42
CA THR A 214 13.66 3.16 20.17
C THR A 214 14.92 3.92 19.72
N GLU A 215 16.07 3.24 19.80
CA GLU A 215 17.36 3.83 19.46
C GLU A 215 17.41 4.18 18.00
N THR A 216 16.84 3.31 17.17
CA THR A 216 16.71 3.67 15.74
C THR A 216 15.98 5.01 15.56
N ALA A 217 14.77 5.11 16.14
CA ALA A 217 13.95 6.33 15.94
C ALA A 217 14.65 7.54 16.53
N MET A 218 15.17 7.37 17.75
CA MET A 218 15.87 8.48 18.42
C MET A 218 17.12 8.96 17.64
N LYS A 219 17.85 8.03 17.00
CA LYS A 219 18.94 8.40 16.07
C LYS A 219 18.45 9.24 14.90
N ALA A 220 17.35 8.84 14.29
CA ALA A 220 16.90 9.42 13.01
C ALA A 220 16.35 10.82 13.23
N VAL A 221 15.58 11.00 14.32
CA VAL A 221 14.86 12.27 14.57
C VAL A 221 15.67 13.26 15.42
N SER A 222 16.68 12.79 16.16
CA SER A 222 17.61 13.70 16.88
C SER A 222 17.88 14.96 16.04
N GLY A 223 17.51 16.11 16.56
CA GLY A 223 17.40 17.31 15.74
C GLY A 223 16.02 17.94 15.99
N HIS A 226 11.15 19.38 18.67
CA HIS A 226 10.84 18.12 19.36
C HIS A 226 9.69 17.30 18.72
N MET A 227 9.67 16.01 19.03
CA MET A 227 8.47 15.22 18.92
C MET A 227 8.48 14.44 20.22
N GLN A 228 7.34 14.35 20.88
CA GLN A 228 7.20 13.51 22.09
C GLN A 228 7.27 12.03 21.74
N ALA A 229 7.98 11.21 22.52
CA ALA A 229 8.11 9.78 22.17
C ALA A 229 7.54 8.81 23.19
N ALA A 230 6.85 7.77 22.75
CA ALA A 230 6.24 6.86 23.70
C ALA A 230 7.19 5.72 24.09
N PRO A 231 6.94 5.13 25.27
CA PRO A 231 7.83 4.12 25.80
C PRO A 231 7.80 2.83 24.97
N LYS A 232 8.97 2.38 24.53
CA LYS A 232 9.06 1.18 23.73
C LYS A 232 8.58 -0.02 24.45
N GLU A 233 8.68 -0.03 25.77
CA GLU A 233 8.27 -1.27 26.48
C GLU A 233 6.76 -1.36 26.68
N GLU A 234 6.14 -0.22 26.95
CA GLU A 234 4.66 -0.12 26.96
C GLU A 234 4.14 -0.47 25.52
N CYS A 235 4.79 0.09 24.51
CA CYS A 235 4.37 -0.13 23.16
C CYS A 235 4.28 -1.61 22.89
N ALA A 236 5.36 -2.33 23.21
CA ALA A 236 5.47 -3.72 22.87
C ALA A 236 4.41 -4.59 23.58
N LEU A 237 4.12 -4.25 24.84
CA LEU A 237 3.01 -4.88 25.60
C LEU A 237 1.65 -4.61 24.90
N GLU A 238 1.30 -3.36 24.62
CA GLU A 238 0.09 -3.06 23.85
C GLU A 238 -0.06 -3.93 22.58
N ILE A 239 1.03 -4.16 21.85
CA ILE A 239 0.92 -4.96 20.65
C ILE A 239 0.56 -6.41 20.96
N ILE A 240 1.19 -6.98 21.98
CA ILE A 240 0.97 -8.37 22.32
C ILE A 240 -0.49 -8.55 22.81
N LYS A 241 -1.00 -7.61 23.60
CA LYS A 241 -2.36 -7.67 24.16
C LYS A 241 -3.37 -7.67 23.00
N GLY A 242 -3.27 -6.65 22.15
CA GLY A 242 -4.04 -6.55 20.91
C GLY A 242 -4.10 -7.86 20.20
N GLY A 243 -2.95 -8.49 20.02
CA GLY A 243 -2.92 -9.75 19.30
C GLY A 243 -3.55 -10.87 20.11
N ALA A 244 -3.26 -10.89 21.41
CA ALA A 244 -3.80 -11.92 22.28
C ALA A 244 -5.35 -11.84 22.27
N LEU A 245 -5.88 -10.62 22.36
CA LEU A 245 -7.31 -10.35 22.37
C LEU A 245 -7.94 -10.42 20.98
N ARG A 246 -7.16 -10.72 19.95
CA ARG A 246 -7.72 -10.89 18.61
C ARG A 246 -8.36 -9.64 17.96
N GLN A 247 -7.98 -8.44 18.43
CA GLN A 247 -8.44 -7.18 17.86
C GLN A 247 -7.95 -6.93 16.44
N GLU A 248 -8.71 -6.16 15.69
CA GLU A 248 -8.36 -5.88 14.33
C GLU A 248 -7.20 -4.84 14.25
N GLU A 249 -7.34 -3.76 15.00
CA GLU A 249 -6.33 -2.74 15.03
C GLU A 249 -5.91 -2.43 16.50
N VAL A 250 -4.66 -2.02 16.69
CA VAL A 250 -4.14 -1.52 17.96
C VAL A 250 -3.57 -0.18 17.56
N TYR A 251 -3.76 0.85 18.36
CA TYR A 251 -3.22 2.15 18.07
C TYR A 251 -2.37 2.54 19.27
N TYR A 252 -1.18 3.10 19.04
CA TYR A 252 -0.32 3.43 20.21
C TYR A 252 0.47 4.63 19.87
N ASP A 253 0.12 5.72 20.52
CA ASP A 253 0.80 6.99 20.39
C ASP A 253 0.78 7.71 21.75
N SER A 254 1.61 8.72 21.92
CA SER A 254 1.68 9.33 23.24
C SER A 254 0.56 10.38 23.35
N SER A 255 0.04 10.85 22.21
CA SER A 255 -1.03 11.85 22.21
C SER A 255 -2.36 11.18 22.07
N LEU A 256 -3.24 11.36 23.04
CA LEU A 256 -4.65 10.87 22.96
C LEU A 256 -5.38 11.40 21.69
N TRP A 257 -5.13 12.64 21.33
CA TRP A 257 -5.65 13.19 20.10
C TRP A 257 -5.31 12.30 18.86
N THR A 258 -4.01 12.09 18.67
CA THR A 258 -3.56 11.19 17.68
C THR A 258 -4.30 9.88 17.70
N THR A 259 -4.42 9.22 18.83
CA THR A 259 -5.12 7.94 18.77
C THR A 259 -6.64 8.05 18.42
N LEU A 260 -7.27 9.19 18.70
CA LEU A 260 -8.67 9.47 18.37
C LEU A 260 -8.80 9.60 16.84
N LEU A 261 -7.89 10.37 16.26
CA LEU A 261 -7.90 10.69 14.86
C LEU A 261 -7.56 9.55 13.91
N ILE A 262 -7.01 8.46 14.42
CA ILE A 262 -6.49 7.36 13.66
C ILE A 262 -7.60 6.40 13.22
N ARG A 263 -8.62 6.31 14.06
CA ARG A 263 -9.75 5.52 13.74
C ARG A 263 -10.43 6.03 12.46
N ASN A 264 -10.86 5.07 11.62
CA ASN A 264 -11.61 5.41 10.42
C ASN A 264 -13.00 4.68 10.38
N PRO A 265 -13.98 5.20 11.15
CA PRO A 265 -15.29 4.52 11.17
C PRO A 265 -16.01 4.54 9.82
N SER A 266 -15.82 5.56 8.98
CA SER A 266 -16.44 5.52 7.62
C SER A 266 -15.98 4.32 6.85
N ARG A 267 -14.68 3.98 6.98
CA ARG A 267 -14.14 2.86 6.24
C ARG A 267 -14.83 1.61 6.69
N LYS A 268 -15.00 1.41 7.97
CA LYS A 268 -15.59 0.16 8.47
C LYS A 268 -17.10 0.08 8.08
N ILE A 269 -17.76 1.24 8.09
CA ILE A 269 -19.14 1.32 7.55
C ILE A 269 -19.17 0.95 6.10
N LEU A 270 -18.34 1.61 5.30
CA LEU A 270 -18.32 1.25 3.89
C LEU A 270 -17.99 -0.23 3.61
N GLU A 271 -17.08 -0.82 4.37
CA GLU A 271 -16.77 -2.25 4.14
C GLU A 271 -18.01 -3.17 4.42
N PHE A 272 -18.82 -2.81 5.42
CA PHE A 272 -20.10 -3.50 5.69
C PHE A 272 -21.08 -3.35 4.50
N LEU A 273 -21.30 -2.13 4.05
CA LEU A 273 -22.14 -1.90 2.90
C LEU A 273 -21.75 -2.81 1.74
N TYR A 274 -20.45 -2.87 1.48
CA TYR A 274 -19.92 -3.48 0.29
C TYR A 274 -19.93 -4.99 0.37
N SER A 275 -20.16 -5.55 1.55
CA SER A 275 -20.01 -6.97 1.76
C SER A 275 -21.33 -7.68 1.42
N THR A 276 -22.38 -6.89 1.27
CA THR A 276 -23.71 -7.44 0.99
C THR A 276 -23.80 -7.66 -0.53
N SER A 277 -22.80 -7.13 -1.24
CA SER A 277 -22.62 -7.47 -2.65
C SER A 277 -22.24 -8.94 -2.75
N TYR A 278 -21.50 -9.43 -1.75
CA TYR A 278 -21.05 -10.81 -1.77
C TYR A 278 -21.90 -11.78 -0.93
N GLN B 14 -1.19 20.16 -2.68
CA GLN B 14 -1.21 21.23 -3.72
C GLN B 14 -2.52 22.09 -3.78
N GLN B 15 -2.49 23.13 -4.62
CA GLN B 15 -3.64 24.03 -4.78
C GLN B 15 -4.35 23.79 -6.13
N PRO B 16 -5.66 23.45 -6.09
CA PRO B 16 -6.45 23.25 -7.33
C PRO B 16 -6.63 24.55 -8.11
N LEU B 17 -6.91 24.46 -9.42
CA LEU B 17 -7.27 25.63 -10.21
C LEU B 17 -8.64 26.09 -9.70
N ASN B 18 -8.77 27.37 -9.38
CA ASN B 18 -10.06 27.89 -8.92
C ASN B 18 -10.94 28.34 -10.11
N GLU B 19 -11.84 27.46 -10.55
CA GLU B 19 -12.51 27.64 -11.83
C GLU B 19 -13.04 26.31 -12.38
N GLU B 20 -14.03 26.40 -13.26
CA GLU B 20 -14.71 25.24 -13.78
C GLU B 20 -13.86 24.63 -14.86
N PHE B 21 -13.88 23.31 -14.93
CA PHE B 21 -13.23 22.66 -16.03
C PHE B 21 -13.85 23.15 -17.35
N ARG B 22 -13.03 23.30 -18.37
CA ARG B 22 -13.47 23.56 -19.75
C ARG B 22 -12.58 22.71 -20.63
N PRO B 23 -13.18 22.05 -21.64
CA PRO B 23 -12.47 21.19 -22.57
C PRO B 23 -11.23 21.80 -23.16
N GLU B 24 -11.28 23.12 -23.37
CA GLU B 24 -10.18 23.89 -23.97
C GLU B 24 -8.87 23.74 -23.22
N MET B 25 -8.94 23.73 -21.89
CA MET B 25 -7.80 23.45 -21.01
C MET B 25 -6.86 22.36 -21.53
N LEU B 26 -7.38 21.44 -22.35
CA LEU B 26 -6.55 20.32 -22.78
C LEU B 26 -6.10 20.46 -24.22
N GLN B 27 -6.61 21.47 -24.90
CA GLN B 27 -6.23 21.69 -26.30
C GLN B 27 -4.75 21.97 -26.40
N GLY B 28 -4.08 21.19 -27.24
CA GLY B 28 -2.65 21.31 -27.43
C GLY B 28 -1.74 20.70 -26.36
N LYS B 29 -2.30 20.35 -25.20
CA LYS B 29 -1.56 19.64 -24.11
C LYS B 29 -1.01 18.36 -24.58
N LYS B 30 0.05 17.91 -23.94
CA LYS B 30 0.70 16.68 -24.33
C LYS B 30 0.57 15.70 -23.16
N VAL B 31 0.08 14.50 -23.45
CA VAL B 31 -0.47 13.65 -22.43
C VAL B 31 -0.13 12.27 -22.82
N ILE B 32 0.52 11.57 -21.90
CA ILE B 32 0.70 10.13 -21.94
C ILE B 32 -0.49 9.46 -21.18
N VAL B 33 -1.01 8.35 -21.75
CA VAL B 33 -1.96 7.44 -21.06
C VAL B 33 -1.46 6.04 -21.14
N THR B 34 -1.27 5.40 -20.00
CA THR B 34 -0.78 4.04 -20.02
C THR B 34 -2.00 3.10 -19.94
N GLY B 35 -1.80 1.81 -20.18
CA GLY B 35 -2.97 0.93 -20.17
C GLY B 35 -4.11 1.51 -21.03
N ALA B 36 -3.80 2.02 -22.25
CA ALA B 36 -4.79 2.73 -23.06
C ALA B 36 -5.33 2.03 -24.32
N SER B 37 -5.09 0.74 -24.46
CA SER B 37 -5.62 0.01 -25.58
C SER B 37 -7.07 -0.51 -25.30
N LYS B 38 -7.47 -0.62 -24.01
CA LYS B 38 -8.81 -0.99 -23.59
C LYS B 38 -9.30 -0.11 -22.45
N GLY B 39 -10.55 -0.36 -22.08
CA GLY B 39 -11.11 0.05 -20.80
C GLY B 39 -11.08 1.53 -20.52
N ILE B 40 -10.89 1.91 -19.25
CA ILE B 40 -10.90 3.35 -18.88
C ILE B 40 -9.85 4.17 -19.62
N GLY B 41 -8.69 3.58 -19.85
CA GLY B 41 -7.57 4.33 -20.50
C GLY B 41 -7.82 4.63 -21.95
N ARG B 42 -8.38 3.69 -22.68
CA ARG B 42 -8.87 4.01 -24.03
C ARG B 42 -9.89 5.12 -24.04
N GLU B 43 -10.85 5.12 -23.10
CA GLU B 43 -11.81 6.21 -23.05
C GLU B 43 -11.13 7.51 -22.74
N MET B 44 -10.07 7.44 -21.95
CA MET B 44 -9.38 8.71 -21.61
C MET B 44 -8.71 9.22 -22.86
N ALA B 45 -8.06 8.30 -23.59
CA ALA B 45 -7.42 8.66 -24.86
C ALA B 45 -8.44 9.35 -25.81
N TYR B 46 -9.65 8.76 -25.93
CA TYR B 46 -10.74 9.36 -26.76
C TYR B 46 -11.19 10.67 -26.27
N HIS B 47 -11.38 10.82 -24.97
CA HIS B 47 -11.75 12.14 -24.47
C HIS B 47 -10.64 13.15 -24.78
N LEU B 48 -9.39 12.77 -24.61
CA LEU B 48 -8.28 13.71 -24.85
C LEU B 48 -8.26 14.13 -26.33
N ALA B 49 -8.43 13.14 -27.25
CA ALA B 49 -8.51 13.38 -28.71
C ALA B 49 -9.53 14.38 -29.05
N LYS B 50 -10.74 14.18 -28.55
CA LYS B 50 -11.80 15.11 -28.77
C LYS B 50 -11.47 16.52 -28.26
N MET B 51 -10.48 16.65 -27.39
CA MET B 51 -10.26 17.96 -26.76
C MET B 51 -9.19 18.74 -27.52
N GLY B 52 -8.58 18.03 -28.47
CA GLY B 52 -7.53 18.55 -29.33
C GLY B 52 -6.16 18.42 -28.66
N ALA B 53 -5.99 17.37 -27.84
CA ALA B 53 -4.71 17.17 -27.18
C ALA B 53 -3.76 16.34 -28.05
N HIS B 54 -2.46 16.41 -27.74
CA HIS B 54 -1.48 15.45 -28.27
C HIS B 54 -1.44 14.27 -27.30
N VAL B 55 -1.38 13.05 -27.81
CA VAL B 55 -1.54 11.91 -26.97
C VAL B 55 -0.53 10.87 -27.42
N VAL B 56 0.07 10.18 -26.46
CA VAL B 56 0.81 8.97 -26.71
C VAL B 56 0.26 7.89 -25.79
N VAL B 57 -0.04 6.70 -26.33
CA VAL B 57 -0.76 5.68 -25.57
C VAL B 57 0.12 4.49 -25.58
N THR B 58 0.02 3.64 -24.56
CA THR B 58 0.88 2.47 -24.54
C THR B 58 0.14 1.31 -23.92
N ALA B 59 0.65 0.09 -24.11
CA ALA B 59 0.09 -1.11 -23.53
C ALA B 59 0.89 -2.16 -24.24
N ARG B 60 0.61 -3.44 -24.02
CA ARG B 60 1.48 -4.43 -24.64
C ARG B 60 1.15 -4.68 -26.14
N SER B 61 -0.06 -4.33 -26.61
CA SER B 61 -0.60 -4.87 -27.90
C SER B 61 -0.69 -3.83 -28.97
N LYS B 62 0.18 -3.98 -29.97
CA LYS B 62 0.27 -2.96 -31.01
C LYS B 62 -1.00 -2.85 -31.84
N GLU B 63 -1.66 -3.99 -32.10
CA GLU B 63 -2.85 -3.97 -32.97
C GLU B 63 -3.98 -3.18 -32.37
N THR B 64 -4.28 -3.48 -31.11
CA THR B 64 -5.32 -2.77 -30.36
C THR B 64 -4.92 -1.29 -30.16
N LEU B 65 -3.64 -1.03 -29.93
CA LEU B 65 -3.16 0.36 -29.84
C LEU B 65 -3.32 1.20 -31.12
N GLN B 66 -2.99 0.57 -32.26
CA GLN B 66 -3.16 1.21 -33.57
C GLN B 66 -4.64 1.66 -33.82
N LYS B 67 -5.59 0.79 -33.50
CA LYS B 67 -7.04 1.20 -33.57
C LYS B 67 -7.43 2.43 -32.71
N VAL B 68 -6.87 2.47 -31.49
CA VAL B 68 -7.07 3.62 -30.62
C VAL B 68 -6.47 4.84 -31.25
N VAL B 69 -5.20 4.71 -31.67
CA VAL B 69 -4.54 5.84 -32.32
C VAL B 69 -5.40 6.37 -33.49
N SER B 70 -5.84 5.45 -34.36
CA SER B 70 -6.60 5.86 -35.60
C SER B 70 -7.88 6.55 -35.20
N HIS B 71 -8.60 5.92 -34.25
CA HIS B 71 -9.84 6.54 -33.79
C HIS B 71 -9.55 7.90 -33.19
N CYS B 72 -8.44 8.04 -32.43
CA CYS B 72 -8.10 9.37 -31.85
C CYS B 72 -7.90 10.42 -32.93
N LEU B 73 -7.23 10.08 -34.01
CA LEU B 73 -7.02 11.04 -35.11
C LEU B 73 -8.38 11.43 -35.66
N GLU B 74 -9.23 10.46 -36.04
CA GLU B 74 -10.60 10.83 -36.47
C GLU B 74 -11.34 11.71 -35.49
N LEU B 75 -11.05 11.59 -34.18
CA LEU B 75 -11.80 12.37 -33.20
C LEU B 75 -11.32 13.81 -33.06
N GLY B 76 -10.17 14.13 -33.64
CA GLY B 76 -9.65 15.51 -33.59
C GLY B 76 -8.39 15.66 -32.75
N ALA B 77 -7.66 14.56 -32.56
CA ALA B 77 -6.41 14.61 -31.79
C ALA B 77 -5.35 15.47 -32.53
N ALA B 78 -4.91 16.57 -31.93
CA ALA B 78 -3.70 17.33 -32.44
C ALA B 78 -2.57 16.42 -32.95
N SER B 79 -2.26 15.35 -32.22
CA SER B 79 -1.49 14.25 -32.78
C SER B 79 -1.77 12.99 -31.94
N ALA B 80 -1.44 11.81 -32.47
CA ALA B 80 -1.57 10.61 -31.70
C ALA B 80 -0.62 9.50 -32.12
N HIS B 81 0.06 8.88 -31.16
CA HIS B 81 1.00 7.82 -31.44
C HIS B 81 0.93 6.80 -30.33
N TYR B 82 1.51 5.62 -30.54
CA TYR B 82 1.60 4.63 -29.49
C TYR B 82 2.99 4.00 -29.43
N ILE B 83 3.34 3.39 -28.29
CA ILE B 83 4.55 2.66 -28.19
C ILE B 83 4.14 1.49 -27.33
N ALA B 84 4.52 0.28 -27.75
CA ALA B 84 4.07 -0.93 -27.13
C ALA B 84 5.20 -1.53 -26.35
N GLY B 85 4.89 -2.08 -25.18
CA GLY B 85 5.82 -2.86 -24.39
C GLY B 85 5.09 -3.13 -23.08
N THR B 86 5.70 -3.99 -22.27
CA THR B 86 5.17 -4.41 -20.99
C THR B 86 5.84 -3.61 -19.88
N MET B 87 4.98 -3.22 -18.91
CA MET B 87 5.37 -2.46 -17.76
C MET B 87 5.92 -3.36 -16.66
N GLU B 88 6.14 -4.63 -16.97
CA GLU B 88 6.98 -5.51 -16.13
C GLU B 88 8.47 -5.15 -16.29
N ASP B 89 8.77 -4.48 -17.38
CA ASP B 89 10.15 -4.15 -17.73
C ASP B 89 10.42 -2.70 -17.40
N MET B 90 11.13 -2.50 -16.29
CA MET B 90 11.49 -1.13 -15.88
C MET B 90 12.32 -0.35 -16.91
N THR B 91 13.10 -1.05 -17.74
CA THR B 91 13.85 -0.34 -18.77
C THR B 91 12.89 0.21 -19.82
N PHE B 92 11.96 -0.63 -20.29
CA PHE B 92 10.92 -0.12 -21.22
C PHE B 92 10.23 1.10 -20.65
N ALA B 93 9.80 0.98 -19.40
CA ALA B 93 9.04 2.05 -18.74
C ALA B 93 9.76 3.37 -18.80
N GLU B 94 11.02 3.33 -18.34
CA GLU B 94 11.86 4.54 -18.41
C GLU B 94 12.06 5.06 -19.85
N GLN B 95 12.38 4.18 -20.79
CA GLN B 95 12.62 4.63 -22.17
C GLN B 95 11.37 5.12 -22.88
N PHE B 96 10.21 4.48 -22.57
CA PHE B 96 8.92 4.89 -23.17
C PHE B 96 8.66 6.35 -22.93
N VAL B 97 8.94 6.83 -21.72
CA VAL B 97 8.68 8.27 -21.42
C VAL B 97 9.50 9.24 -22.25
N ALA B 98 10.79 8.95 -22.37
CA ALA B 98 11.73 9.70 -23.25
C ALA B 98 11.22 9.67 -24.67
N GLN B 99 10.98 8.48 -25.25
CA GLN B 99 10.38 8.41 -26.61
C GLN B 99 9.07 9.20 -26.74
N ALA B 100 8.23 9.13 -25.72
CA ALA B 100 6.97 9.80 -25.83
C ALA B 100 7.14 11.30 -25.81
N GLY B 101 7.97 11.78 -24.89
CA GLY B 101 8.22 13.22 -24.78
C GLY B 101 8.92 13.75 -26.05
N LYS B 102 9.71 12.90 -26.70
CA LYS B 102 10.27 13.29 -27.98
C LYS B 102 9.23 13.36 -29.06
N LEU B 103 8.40 12.32 -29.22
CA LEU B 103 7.26 12.36 -30.17
C LEU B 103 6.41 13.63 -30.04
N MET B 104 6.30 14.20 -28.87
CA MET B 104 5.36 15.33 -28.70
C MET B 104 6.03 16.67 -28.43
N GLY B 105 7.34 16.66 -28.21
CA GLY B 105 8.08 17.85 -27.83
C GLY B 105 7.89 18.22 -26.36
N GLY B 106 7.84 17.22 -25.48
CA GLY B 106 7.50 17.51 -24.05
C GLY B 106 6.27 16.81 -23.47
N LEU B 107 5.79 17.30 -22.33
CA LEU B 107 4.83 16.55 -21.46
C LEU B 107 4.16 17.47 -20.45
N ASP B 108 2.83 17.53 -20.53
CA ASP B 108 2.02 18.31 -19.60
C ASP B 108 1.34 17.47 -18.51
N MET B 109 1.10 16.21 -18.85
CA MET B 109 0.30 15.32 -17.98
C MET B 109 0.61 13.87 -18.23
N LEU B 110 0.91 13.17 -17.15
CA LEU B 110 1.19 11.76 -17.21
C LEU B 110 0.05 11.00 -16.48
N ILE B 111 -0.64 10.09 -17.21
CA ILE B 111 -1.85 9.41 -16.61
C ILE B 111 -1.47 8.02 -16.49
N LEU B 112 -1.30 7.53 -15.25
CA LEU B 112 -0.83 6.15 -15.06
C LEU B 112 -2.05 5.28 -14.71
N ASN B 113 -2.30 4.24 -15.52
CA ASN B 113 -3.60 3.61 -15.50
C ASN B 113 -3.53 2.09 -15.54
N HIS B 114 -2.51 1.55 -16.20
CA HIS B 114 -2.35 0.11 -16.44
C HIS B 114 -2.19 -0.65 -15.18
N ILE B 115 -2.64 -1.92 -15.24
CA ILE B 115 -2.45 -2.84 -14.14
C ILE B 115 -2.08 -4.14 -14.77
N THR B 116 -1.64 -5.09 -13.96
CA THR B 116 -1.37 -6.40 -14.44
C THR B 116 -2.69 -7.23 -14.48
N ASN B 117 -2.81 -8.21 -15.40
CA ASN B 117 -4.00 -9.02 -15.45
C ASN B 117 -4.25 -9.69 -14.14
N THR B 118 -5.47 -9.57 -13.66
CA THR B 118 -5.77 -10.15 -12.36
C THR B 118 -7.23 -10.70 -12.41
N SER B 119 -7.63 -11.56 -11.50
CA SER B 119 -9.00 -12.02 -11.48
C SER B 119 -9.35 -12.09 -10.05
N LEU B 120 -10.65 -12.27 -9.72
CA LEU B 120 -11.07 -12.42 -8.35
C LEU B 120 -10.88 -13.83 -7.85
N ASN B 121 -10.10 -14.01 -6.78
CA ASN B 121 -9.85 -15.29 -6.17
C ASN B 121 -9.42 -15.10 -4.71
N LEU B 122 -9.69 -16.08 -3.91
CA LEU B 122 -9.20 -16.10 -2.59
C LEU B 122 -7.67 -16.16 -2.66
N PHE B 123 -6.99 -15.53 -1.70
CA PHE B 123 -5.53 -15.59 -1.74
C PHE B 123 -5.10 -16.90 -1.07
N HIS B 124 -4.30 -17.67 -1.76
CA HIS B 124 -3.74 -18.80 -1.05
C HIS B 124 -2.19 -18.80 -0.84
N ASP B 125 -1.53 -18.79 -1.97
CA ASP B 125 -0.22 -19.37 -2.14
C ASP B 125 0.53 -18.49 -3.13
N ASP B 126 -0.10 -17.50 -3.73
CA ASP B 126 0.41 -16.95 -5.00
C ASP B 126 1.26 -15.67 -4.82
N ILE B 127 2.39 -15.81 -4.09
CA ILE B 127 3.38 -14.71 -3.97
C ILE B 127 3.82 -14.17 -5.30
N HIS B 128 3.93 -14.98 -6.31
CA HIS B 128 4.28 -14.44 -7.62
C HIS B 128 3.32 -13.40 -8.13
N HIS B 129 2.03 -13.65 -7.89
CA HIS B 129 0.99 -12.65 -8.25
C HIS B 129 1.10 -11.36 -7.37
N VAL B 130 1.33 -11.52 -6.09
CA VAL B 130 1.54 -10.34 -5.23
C VAL B 130 2.75 -9.48 -5.68
N ARG B 131 3.86 -10.14 -6.07
CA ARG B 131 5.07 -9.43 -6.51
C ARG B 131 4.80 -8.86 -7.81
N LYS B 132 4.16 -9.58 -8.71
CA LYS B 132 3.98 -8.94 -10.05
C LYS B 132 3.05 -7.71 -10.03
N SER B 133 1.99 -7.80 -9.24
CA SER B 133 1.13 -6.65 -8.97
C SER B 133 1.88 -5.47 -8.39
N MET B 134 2.66 -5.71 -7.34
CA MET B 134 3.60 -4.63 -6.81
C MET B 134 4.47 -4.05 -7.90
N GLU B 135 5.09 -4.90 -8.71
CA GLU B 135 5.96 -4.39 -9.78
C GLU B 135 5.24 -3.63 -10.81
N VAL B 136 4.20 -4.22 -11.41
CA VAL B 136 3.51 -3.59 -12.54
C VAL B 136 2.57 -2.45 -12.03
N ASN B 137 1.82 -2.73 -10.98
CA ASN B 137 0.79 -1.73 -10.62
C ASN B 137 1.32 -0.59 -9.74
N PHE B 138 2.47 -0.78 -9.12
CA PHE B 138 2.98 0.27 -8.23
C PHE B 138 4.39 0.75 -8.69
N LEU B 139 5.36 -0.18 -8.66
CA LEU B 139 6.75 0.18 -8.97
C LEU B 139 6.91 0.78 -10.35
N SER B 140 6.32 0.19 -11.40
CA SER B 140 6.37 0.83 -12.71
C SER B 140 5.86 2.26 -12.68
N TYR B 141 4.93 2.59 -11.76
CA TYR B 141 4.36 3.95 -11.75
C TYR B 141 5.41 4.94 -11.19
N VAL B 142 6.17 4.45 -10.21
CA VAL B 142 7.29 5.24 -9.66
C VAL B 142 8.37 5.45 -10.78
N VAL B 143 8.76 4.38 -11.48
CA VAL B 143 9.70 4.50 -12.61
C VAL B 143 9.20 5.45 -13.68
N LEU B 144 7.89 5.46 -14.03
CA LEU B 144 7.39 6.43 -14.99
C LEU B 144 7.45 7.84 -14.50
N THR B 145 7.09 8.04 -13.24
CA THR B 145 7.10 9.34 -12.68
C THR B 145 8.55 9.89 -12.64
N VAL B 146 9.52 9.11 -12.17
CA VAL B 146 10.94 9.53 -12.20
C VAL B 146 11.37 9.94 -13.62
N ALA B 147 11.07 9.12 -14.64
CA ALA B 147 11.39 9.50 -16.02
C ALA B 147 10.74 10.75 -16.49
N ALA B 148 9.56 11.04 -15.97
CA ALA B 148 8.72 12.14 -16.51
C ALA B 148 8.98 13.43 -15.84
N LEU B 149 9.47 13.39 -14.60
CA LEU B 149 9.49 14.58 -13.72
C LEU B 149 10.20 15.81 -14.33
N PRO B 150 11.36 15.62 -14.99
CA PRO B 150 12.04 16.79 -15.68
C PRO B 150 11.18 17.55 -16.67
N MET B 151 10.47 16.85 -17.56
CA MET B 151 9.56 17.51 -18.48
C MET B 151 8.38 18.16 -17.81
N LEU B 152 7.86 17.47 -16.79
CA LEU B 152 6.69 18.00 -16.04
C LEU B 152 7.05 19.23 -15.22
N LYS B 153 8.27 19.26 -14.73
CA LYS B 153 8.74 20.47 -14.05
C LYS B 153 8.78 21.62 -15.07
N GLN B 154 9.27 21.37 -16.29
CA GLN B 154 9.26 22.41 -17.33
C GLN B 154 7.87 22.95 -17.52
N SER B 155 6.85 22.08 -17.45
CA SER B 155 5.52 22.51 -17.89
C SER B 155 4.63 22.87 -16.74
N ASN B 156 5.13 22.74 -15.52
CA ASN B 156 4.27 22.79 -14.34
C ASN B 156 3.08 21.79 -14.55
N GLY B 157 3.39 20.55 -14.91
CA GLY B 157 2.42 19.56 -15.37
C GLY B 157 1.75 18.82 -14.22
N SER B 158 1.32 17.59 -14.52
CA SER B 158 0.43 16.89 -13.59
C SER B 158 0.61 15.42 -13.72
N ILE B 159 0.65 14.72 -12.60
CA ILE B 159 0.64 13.24 -12.58
C ILE B 159 -0.73 12.79 -12.12
N VAL B 160 -1.36 11.89 -12.88
CA VAL B 160 -2.69 11.33 -12.49
C VAL B 160 -2.55 9.82 -12.27
N VAL B 161 -2.95 9.41 -11.08
CA VAL B 161 -2.73 8.07 -10.69
C VAL B 161 -4.10 7.40 -10.46
N VAL B 162 -4.43 6.39 -11.26
CA VAL B 162 -5.69 5.65 -11.13
C VAL B 162 -5.63 4.58 -10.11
N SER B 163 -6.49 4.72 -9.12
CA SER B 163 -6.53 3.76 -8.04
C SER B 163 -8.02 3.30 -7.92
N SER B 164 -8.45 2.93 -6.74
CA SER B 164 -9.64 2.13 -6.63
C SER B 164 -10.17 2.29 -5.19
N LEU B 165 -11.49 2.07 -5.01
CA LEU B 165 -12.03 1.94 -3.66
C LEU B 165 -11.27 0.91 -2.93
N ALA B 166 -10.79 -0.12 -3.61
CA ALA B 166 -10.06 -1.18 -2.88
C ALA B 166 -8.55 -0.77 -2.64
N GLY B 167 -8.15 0.44 -3.05
CA GLY B 167 -6.98 1.14 -2.44
C GLY B 167 -7.29 2.12 -1.32
N LYS B 168 -8.49 1.96 -0.71
CA LYS B 168 -8.92 2.81 0.38
C LYS B 168 -9.57 2.06 1.52
N VAL B 169 -10.23 0.91 1.19
CA VAL B 169 -10.95 0.12 2.16
C VAL B 169 -10.76 -1.27 1.70
N ALA B 170 -11.07 -2.24 2.55
CA ALA B 170 -10.75 -3.62 2.31
C ALA B 170 -11.91 -4.41 1.66
N TYR B 171 -11.62 -5.21 0.62
CA TYR B 171 -12.54 -6.18 0.07
C TYR B 171 -11.80 -7.54 0.02
N PRO B 172 -12.57 -8.67 0.11
CA PRO B 172 -12.00 -9.97 -0.21
C PRO B 172 -11.81 -10.11 -1.71
N MET B 173 -10.97 -11.07 -2.08
CA MET B 173 -10.74 -11.53 -3.43
C MET B 173 -9.78 -10.70 -4.23
N VAL B 174 -9.33 -9.57 -3.70
CA VAL B 174 -8.37 -8.74 -4.45
C VAL B 174 -7.13 -8.37 -3.59
N ALA B 175 -6.58 -9.36 -2.88
CA ALA B 175 -5.60 -9.05 -1.85
C ALA B 175 -4.32 -8.35 -2.43
N ALA B 176 -3.76 -8.92 -3.49
CA ALA B 176 -2.54 -8.43 -4.13
C ALA B 176 -2.85 -7.12 -4.83
N TYR B 177 -4.01 -7.06 -5.49
CA TYR B 177 -4.37 -5.84 -6.18
C TYR B 177 -4.47 -4.64 -5.19
N SER B 178 -5.10 -4.92 -4.09
CA SER B 178 -5.41 -3.94 -3.08
C SER B 178 -4.10 -3.49 -2.39
N ALA B 179 -3.22 -4.43 -2.11
CA ALA B 179 -1.86 -4.06 -1.60
C ALA B 179 -1.22 -3.03 -2.48
N SER B 180 -1.20 -3.27 -3.78
CA SER B 180 -0.62 -2.38 -4.75
C SER B 180 -1.30 -1.01 -4.87
N LYS B 181 -2.66 -0.98 -4.74
CA LYS B 181 -3.38 0.31 -4.80
C LYS B 181 -3.18 1.08 -3.49
N PHE B 182 -3.13 0.40 -2.38
CA PHE B 182 -2.82 1.07 -1.11
C PHE B 182 -1.38 1.72 -1.21
N ALA B 183 -0.39 0.95 -1.70
CA ALA B 183 1.00 1.44 -1.89
C ALA B 183 1.04 2.73 -2.71
N LEU B 184 0.24 2.79 -3.76
CA LEU B 184 0.21 4.00 -4.54
C LEU B 184 -0.27 5.18 -3.69
N ASP B 185 -1.18 4.97 -2.72
CA ASP B 185 -1.72 6.10 -1.95
C ASP B 185 -0.54 6.57 -0.98
N GLY B 186 0.04 5.64 -0.27
CA GLY B 186 1.18 5.98 0.58
C GLY B 186 2.34 6.65 -0.13
N PHE B 187 2.72 6.14 -1.29
CA PHE B 187 3.82 6.70 -2.04
C PHE B 187 3.54 8.04 -2.62
N PHE B 188 2.55 8.15 -3.49
CA PHE B 188 2.31 9.42 -4.14
C PHE B 188 1.74 10.48 -3.21
N SER B 189 1.01 10.08 -2.18
CA SER B 189 0.54 11.03 -1.24
C SER B 189 1.72 11.59 -0.44
N SER B 190 2.66 10.72 0.01
CA SER B 190 3.94 11.24 0.62
C SER B 190 4.69 12.16 -0.31
N ILE B 191 4.89 11.79 -1.57
CA ILE B 191 5.68 12.69 -2.38
C ILE B 191 4.94 13.97 -2.73
N ARG B 192 3.60 13.93 -2.72
CA ARG B 192 2.88 15.17 -2.94
C ARG B 192 3.27 16.19 -1.80
N LYS B 193 3.40 15.70 -0.55
CA LYS B 193 3.79 16.55 0.57
C LYS B 193 5.25 17.05 0.40
N GLU B 194 6.12 16.25 -0.22
CA GLU B 194 7.47 16.66 -0.52
C GLU B 194 7.42 17.71 -1.61
N TYR B 195 6.55 17.59 -2.62
CA TYR B 195 6.50 18.61 -3.66
C TYR B 195 6.07 19.94 -3.11
N SER B 196 5.29 19.95 -2.04
CA SER B 196 4.86 21.20 -1.40
C SER B 196 6.01 21.91 -0.67
N VAL B 197 6.84 21.16 0.03
CA VAL B 197 7.91 21.78 0.80
C VAL B 197 9.13 22.07 -0.07
N SER B 198 9.28 21.38 -1.21
CA SER B 198 10.36 21.63 -2.18
C SER B 198 9.99 22.65 -3.23
N ARG B 199 8.79 23.20 -3.10
CA ARG B 199 8.22 24.06 -4.15
C ARG B 199 8.29 23.51 -5.64
N VAL B 200 8.06 22.20 -5.83
CA VAL B 200 7.91 21.59 -7.19
C VAL B 200 6.45 21.77 -7.65
N ASN B 201 6.19 22.52 -8.73
CA ASN B 201 4.76 22.81 -9.14
C ASN B 201 4.20 21.75 -10.16
N VAL B 202 4.30 20.48 -9.76
CA VAL B 202 3.72 19.35 -10.46
C VAL B 202 2.64 18.76 -9.52
N SER B 203 1.40 18.77 -10.00
CA SER B 203 0.28 18.24 -9.18
C SER B 203 0.25 16.71 -9.25
N ILE B 204 -0.27 16.14 -8.18
CA ILE B 204 -0.50 14.70 -8.13
C ILE B 204 -1.97 14.46 -7.78
N THR B 205 -2.68 13.73 -8.69
CA THR B 205 -4.13 13.43 -8.46
C THR B 205 -4.28 11.95 -8.31
N LEU B 206 -4.76 11.51 -7.18
CA LEU B 206 -5.09 10.12 -6.98
C LEU B 206 -6.65 9.91 -7.21
N CYS B 207 -6.96 9.09 -8.21
CA CYS B 207 -8.35 8.71 -8.62
C CYS B 207 -8.83 7.49 -7.92
N VAL B 208 -9.90 7.62 -7.17
CA VAL B 208 -10.39 6.49 -6.41
C VAL B 208 -11.77 6.02 -7.04
N LEU B 209 -11.75 4.92 -7.80
CA LEU B 209 -12.92 4.50 -8.61
C LEU B 209 -13.63 3.34 -7.99
N GLY B 210 -14.97 3.35 -8.03
CA GLY B 210 -15.74 2.13 -7.71
C GLY B 210 -15.80 1.27 -8.95
N LEU B 211 -16.65 0.24 -8.93
CA LEU B 211 -16.81 -0.66 -10.12
C LEU B 211 -17.21 0.12 -11.34
N ILE B 212 -16.47 -0.04 -12.45
CA ILE B 212 -16.69 0.66 -13.67
C ILE B 212 -16.93 -0.39 -14.76
N ASP B 213 -17.79 -0.06 -15.75
CA ASP B 213 -18.29 -1.10 -16.67
C ASP B 213 -17.35 -1.45 -17.78
N THR B 214 -16.09 -1.72 -17.47
CA THR B 214 -15.22 -2.05 -18.53
C THR B 214 -15.42 -3.53 -18.84
N GLU B 215 -14.95 -3.89 -20.01
CA GLU B 215 -15.16 -5.24 -20.46
C GLU B 215 -14.49 -6.22 -19.56
N THR B 216 -13.27 -5.94 -19.10
CA THR B 216 -12.57 -6.92 -18.21
C THR B 216 -13.28 -7.07 -16.90
N ALA B 217 -13.76 -5.96 -16.38
CA ALA B 217 -14.45 -6.04 -15.08
C ALA B 217 -15.81 -6.73 -15.19
N MET B 218 -16.60 -6.33 -16.21
CA MET B 218 -17.94 -6.94 -16.48
C MET B 218 -17.83 -8.44 -16.71
N LYS B 219 -16.84 -8.88 -17.46
CA LYS B 219 -16.56 -10.30 -17.57
C LYS B 219 -16.32 -10.96 -16.22
N ALA B 220 -15.60 -10.31 -15.30
CA ALA B 220 -15.35 -10.96 -13.98
C ALA B 220 -16.48 -10.84 -13.00
N VAL B 221 -17.30 -9.81 -13.09
CA VAL B 221 -18.32 -9.73 -12.06
C VAL B 221 -19.70 -10.20 -12.58
N SER B 222 -19.83 -10.22 -13.92
CA SER B 222 -20.86 -10.95 -14.77
C SER B 222 -21.83 -11.85 -14.05
N GLY B 223 -22.89 -11.33 -13.42
CA GLY B 223 -23.85 -12.22 -12.75
C GLY B 223 -23.15 -13.21 -11.82
N ILE B 224 -21.99 -12.82 -11.26
CA ILE B 224 -21.15 -13.68 -10.42
C ILE B 224 -21.09 -13.04 -9.04
N VAL B 225 -21.19 -11.72 -9.03
CA VAL B 225 -21.26 -10.96 -7.82
C VAL B 225 -22.23 -9.77 -8.00
N HIS B 226 -23.07 -9.50 -7.01
CA HIS B 226 -24.15 -8.53 -7.24
C HIS B 226 -23.83 -7.06 -6.92
N MET B 227 -23.50 -6.31 -7.97
CA MET B 227 -23.11 -4.89 -7.84
C MET B 227 -23.42 -4.06 -9.08
N GLN B 228 -23.56 -2.75 -8.89
CA GLN B 228 -23.86 -1.83 -10.00
C GLN B 228 -22.62 -1.08 -10.50
N ALA B 229 -22.30 -1.24 -11.79
CA ALA B 229 -21.19 -0.60 -12.48
C ALA B 229 -21.43 0.82 -12.91
N ALA B 230 -20.36 1.64 -12.87
CA ALA B 230 -20.55 3.00 -13.34
C ALA B 230 -20.05 3.08 -14.74
N PRO B 231 -20.56 4.06 -15.52
CA PRO B 231 -20.14 4.17 -16.91
C PRO B 231 -18.67 4.61 -17.06
N LYS B 232 -18.01 3.86 -17.93
CA LYS B 232 -16.61 4.07 -18.19
C LYS B 232 -16.27 5.42 -18.86
N GLU B 233 -17.13 5.98 -19.74
CA GLU B 233 -16.81 7.25 -20.34
C GLU B 233 -16.91 8.46 -19.42
N GLU B 234 -17.96 8.50 -18.61
CA GLU B 234 -18.03 9.55 -17.65
C GLU B 234 -16.88 9.43 -16.59
N CYS B 235 -16.56 8.21 -16.14
CA CYS B 235 -15.40 7.92 -15.31
C CYS B 235 -14.13 8.55 -15.87
N ALA B 236 -13.83 8.29 -17.14
CA ALA B 236 -12.65 8.75 -17.82
C ALA B 236 -12.54 10.27 -17.87
N LEU B 237 -13.65 10.97 -18.17
CA LEU B 237 -13.69 12.41 -18.13
C LEU B 237 -13.48 13.00 -16.68
N GLU B 238 -14.14 12.42 -15.68
CA GLU B 238 -13.92 12.83 -14.29
C GLU B 238 -12.39 12.71 -13.91
N ILE B 239 -11.74 11.64 -14.37
CA ILE B 239 -10.35 11.50 -14.10
C ILE B 239 -9.55 12.65 -14.71
N ILE B 240 -9.78 12.93 -15.97
CA ILE B 240 -9.07 13.96 -16.71
C ILE B 240 -9.35 15.34 -16.09
N LYS B 241 -10.57 15.56 -15.63
CA LYS B 241 -10.91 16.80 -15.02
C LYS B 241 -10.22 17.03 -13.69
N GLY B 242 -10.24 16.04 -12.82
CA GLY B 242 -9.52 16.14 -11.56
C GLY B 242 -8.08 16.47 -11.80
N GLY B 243 -7.43 15.71 -12.69
CA GLY B 243 -6.10 16.04 -13.21
C GLY B 243 -5.92 17.47 -13.68
N ALA B 244 -6.75 17.96 -14.61
CA ALA B 244 -6.57 19.27 -15.15
C ALA B 244 -6.73 20.32 -14.08
N LEU B 245 -7.64 20.10 -13.16
CA LEU B 245 -7.89 21.12 -12.15
C LEU B 245 -6.96 20.93 -10.94
N ARG B 246 -6.00 19.98 -11.03
CA ARG B 246 -4.96 19.78 -10.01
C ARG B 246 -5.53 19.41 -8.62
N GLN B 247 -6.62 18.66 -8.63
CA GLN B 247 -7.18 18.14 -7.40
C GLN B 247 -6.34 17.04 -6.80
N GLU B 248 -6.40 16.90 -5.51
CA GLU B 248 -5.63 15.87 -4.88
C GLU B 248 -6.21 14.46 -5.10
N GLU B 249 -7.52 14.34 -5.00
CA GLU B 249 -8.21 13.08 -5.08
C GLU B 249 -9.53 13.31 -5.85
N VAL B 250 -9.87 12.34 -6.68
CA VAL B 250 -11.11 12.32 -7.43
C VAL B 250 -11.73 11.01 -6.99
N TYR B 251 -13.03 11.05 -6.64
CA TYR B 251 -13.81 9.88 -6.29
C TYR B 251 -14.96 9.62 -7.32
N TYR B 252 -15.10 8.40 -7.79
CA TYR B 252 -16.11 8.13 -8.80
C TYR B 252 -16.66 6.76 -8.54
N ASP B 253 -17.96 6.73 -8.20
CA ASP B 253 -18.68 5.45 -7.93
C ASP B 253 -20.19 5.71 -8.19
N SER B 254 -20.95 4.66 -8.51
CA SER B 254 -22.39 4.85 -8.79
C SER B 254 -23.17 5.14 -7.49
N SER B 255 -22.59 4.84 -6.33
CA SER B 255 -23.35 4.92 -5.08
C SER B 255 -23.07 6.19 -4.27
N LEU B 256 -24.10 6.80 -3.72
CA LEU B 256 -23.90 8.05 -3.01
C LEU B 256 -23.45 7.85 -1.52
N TRP B 257 -23.75 6.70 -0.91
CA TRP B 257 -23.10 6.27 0.32
C TRP B 257 -21.59 6.44 0.18
N THR B 258 -21.07 6.00 -0.98
CA THR B 258 -19.62 5.94 -1.21
C THR B 258 -19.09 7.33 -1.26
N THR B 259 -19.72 8.15 -2.09
CA THR B 259 -19.15 9.46 -2.30
C THR B 259 -19.21 10.31 -1.03
N LEU B 260 -20.16 10.03 -0.14
CA LEU B 260 -20.31 10.75 1.14
C LEU B 260 -19.38 10.20 2.23
N LEU B 261 -19.13 8.91 2.25
CA LEU B 261 -18.42 8.27 3.33
C LEU B 261 -16.93 8.03 3.02
N ILE B 262 -16.50 8.14 1.77
CA ILE B 262 -15.17 7.72 1.38
C ILE B 262 -14.06 8.67 1.88
N ARG B 263 -14.25 9.99 1.80
CA ARG B 263 -13.26 10.94 2.28
C ARG B 263 -12.94 10.75 3.76
N ASN B 264 -11.70 11.05 4.16
CA ASN B 264 -11.27 10.75 5.52
C ASN B 264 -10.76 12.05 6.16
N PRO B 265 -11.67 12.83 6.78
CA PRO B 265 -11.26 14.16 7.33
C PRO B 265 -10.28 14.00 8.46
N SER B 266 -10.31 12.91 9.20
CA SER B 266 -9.35 12.69 10.27
C SER B 266 -7.92 12.58 9.76
N ARG B 267 -7.75 11.88 8.63
CA ARG B 267 -6.44 11.74 8.05
C ARG B 267 -5.99 13.16 7.68
N LYS B 268 -6.84 13.95 7.04
CA LYS B 268 -6.44 15.31 6.70
C LYS B 268 -5.99 16.17 7.91
N ILE B 269 -6.66 15.97 9.06
CA ILE B 269 -6.27 16.64 10.28
C ILE B 269 -4.95 16.09 10.83
N LEU B 270 -4.75 14.80 10.80
CA LEU B 270 -3.48 14.30 11.26
C LEU B 270 -2.35 14.80 10.32
N GLU B 271 -2.60 14.91 9.02
CA GLU B 271 -1.58 15.45 8.15
C GLU B 271 -1.25 16.93 8.40
N PHE B 272 -2.27 17.71 8.72
CA PHE B 272 -2.17 19.15 8.91
C PHE B 272 -1.41 19.43 10.20
N LEU B 273 -1.57 18.58 11.21
CA LEU B 273 -0.96 18.76 12.50
C LEU B 273 0.52 18.57 12.41
N TYR B 274 0.92 17.64 11.56
CA TYR B 274 2.31 17.43 11.35
C TYR B 274 2.86 18.56 10.43
N SER B 275 2.26 18.74 9.26
CA SER B 275 2.63 19.79 8.32
C SER B 275 2.99 21.17 8.96
N THR B 276 2.29 21.53 10.04
CA THR B 276 2.40 22.88 10.66
C THR B 276 3.33 22.93 11.89
N SER B 277 4.08 21.86 12.14
CA SER B 277 5.07 21.87 13.20
C SER B 277 6.31 21.15 12.67
N TYR B 278 7.04 21.87 11.80
CA TYR B 278 8.25 21.37 11.15
C TYR B 278 7.99 20.13 10.27
#